data_2VTD
#
_entry.id   2VTD
#
_cell.length_a   65.260
_cell.length_b   65.260
_cell.length_c   134.730
_cell.angle_alpha   90.00
_cell.angle_beta   90.00
_cell.angle_gamma   90.00
#
_symmetry.space_group_name_H-M   'P 41'
#
loop_
_entity.id
_entity.type
_entity.pdbx_description
1 polymer 'UDP-N-ACETYLMURAMOYLALANINE--D-GLUTAMATE LIGASE'
2 non-polymer 'N-({6-[(4-CYANO-2-FLUOROBENZYL)OXY]NAPHTHALEN-2-YL}SULFONYL)-D-GLUTAMIC ACID'
3 non-polymer 'SULFATE ION'
4 water water
#
_entity_poly.entity_id   1
_entity_poly.type   'polypeptide(L)'
_entity_poly.pdbx_seq_one_letter_code
;MADYQGKNVVIIGLGLTGLSCVDFFLARGVTPRVMDTRMTPPGLDKLPEAVERHTGSLNDEWLMAADLIVASPGIALAHP
SLSAAADAGIEIVGDIELFCREAQAPIVAITGSNGKSTVTTLVGEMAKAAGVNVGVGGNIGLPALMLLDDECELYVLELS
SFQLETTSSLQAVAATILNVTEDHMDRYPFGLQQYRAA(KCX)LRIYENAKVCVVNADDALTMPIRGADERCVSFGVNMG
DYHLNHQQGETWLRVKGEKVLNVKEMKLSGQHNYTNALAALALADAAGLPRASSLKALTTFTGLPHRFEVVLEHNGVRWI
NDSKATNVGSTEAALNGLHVDGTLHLLLGGDGKSADFSPLARYLNGDNVRLYCFGRDGAQLAALRPEVAEQTETMEQAMR
LLAPRVQPGDMVLLSPACASLDQFKNFEQRGNEFARLAKELGSHHHHHH
;
_entity_poly.pdbx_strand_id   A
#
# COMPACT_ATOMS: atom_id res chain seq x y z
N ALA A 2 26.90 7.48 5.14
CA ALA A 2 27.44 7.12 3.79
C ALA A 2 27.97 8.33 3.00
N ASP A 3 28.93 8.08 2.11
CA ASP A 3 29.49 9.13 1.25
C ASP A 3 29.53 8.68 -0.24
N TYR A 4 28.82 9.40 -1.11
CA TYR A 4 28.65 9.00 -2.54
C TYR A 4 29.54 9.76 -3.52
N GLN A 5 30.27 10.76 -3.01
CA GLN A 5 31.12 11.59 -3.88
C GLN A 5 32.15 10.73 -4.63
N GLY A 6 32.21 10.97 -5.94
CA GLY A 6 33.08 10.23 -6.83
C GLY A 6 32.58 8.89 -7.35
N LYS A 7 31.47 8.37 -6.84
CA LYS A 7 31.03 7.02 -7.17
C LYS A 7 30.27 7.00 -8.51
N ASN A 8 30.34 5.87 -9.20
CA ASN A 8 29.56 5.62 -10.39
C ASN A 8 28.24 5.05 -9.91
N VAL A 9 27.19 5.84 -10.02
CA VAL A 9 25.87 5.51 -9.49
C VAL A 9 24.88 5.33 -10.63
N VAL A 10 24.19 4.19 -10.62
CA VAL A 10 23.16 3.91 -11.62
C VAL A 10 21.83 3.73 -10.90
N ILE A 11 20.80 4.41 -11.37
CA ILE A 11 19.42 4.32 -10.79
C ILE A 11 18.60 3.49 -11.80
N ILE A 12 17.95 2.43 -11.34
CA ILE A 12 17.16 1.56 -12.23
C ILE A 12 15.68 1.82 -11.96
N GLY A 13 14.97 2.38 -12.92
CA GLY A 13 13.60 2.79 -12.75
C GLY A 13 13.43 4.29 -12.54
N LEU A 14 12.68 4.94 -13.40
CA LEU A 14 12.34 6.32 -13.17
C LEU A 14 11.11 6.57 -12.29
N GLY A 15 9.96 6.75 -12.91
CA GLY A 15 8.82 7.25 -12.18
C GLY A 15 9.20 8.16 -11.05
N LEU A 16 8.27 8.37 -10.12
CA LEU A 16 8.46 9.34 -9.07
C LEU A 16 9.59 8.93 -8.11
N THR A 17 9.65 7.65 -7.75
CA THR A 17 10.73 7.20 -6.88
C THR A 17 12.08 7.48 -7.57
N GLY A 18 12.24 7.03 -8.80
CA GLY A 18 13.49 7.23 -9.54
C GLY A 18 13.90 8.69 -9.60
N LEU A 19 12.92 9.56 -9.90
CA LEU A 19 13.17 11.02 -9.93
C LEU A 19 13.68 11.57 -8.59
N SER A 20 13.05 11.14 -7.49
CA SER A 20 13.49 11.55 -6.17
C SER A 20 14.94 11.12 -5.90
N CYS A 21 15.29 9.90 -6.34
CA CYS A 21 16.69 9.44 -6.26
C CYS A 21 17.63 10.29 -7.07
N VAL A 22 17.20 10.68 -8.27
CA VAL A 22 18.03 11.52 -9.13
C VAL A 22 18.37 12.86 -8.40
N ASP A 23 17.34 13.52 -7.87
CA ASP A 23 17.52 14.75 -7.08
C ASP A 23 18.41 14.53 -5.87
N PHE A 24 18.23 13.39 -5.16
CA PHE A 24 19.05 13.08 -3.99
C PHE A 24 20.53 13.13 -4.32
N PHE A 25 20.90 12.50 -5.43
CA PHE A 25 22.31 12.43 -5.78
C PHE A 25 22.94 13.74 -6.27
N LEU A 26 22.22 14.43 -7.13
CA LEU A 26 22.64 15.74 -7.63
C LEU A 26 22.92 16.73 -6.49
N ALA A 27 21.98 16.84 -5.55
CA ALA A 27 22.12 17.72 -4.39
C ALA A 27 23.38 17.37 -3.61
N ARG A 28 23.89 16.16 -3.82
CA ARG A 28 25.04 15.73 -3.04
C ARG A 28 26.32 15.68 -3.86
N GLY A 29 26.27 16.31 -5.03
CA GLY A 29 27.43 16.44 -5.91
C GLY A 29 27.71 15.21 -6.76
N VAL A 30 26.70 14.36 -6.97
CA VAL A 30 26.86 13.14 -7.77
C VAL A 30 25.89 13.11 -8.94
N THR A 31 26.40 12.99 -10.17
CA THR A 31 25.54 12.80 -11.32
C THR A 31 25.34 11.32 -11.66
N PRO A 32 24.15 10.80 -11.40
CA PRO A 32 23.90 9.37 -11.63
C PRO A 32 23.52 9.13 -13.08
N ARG A 33 23.56 7.88 -13.49
CA ARG A 33 22.90 7.48 -14.70
C ARG A 33 21.59 6.77 -14.39
N VAL A 34 20.66 6.82 -15.32
CA VAL A 34 19.34 6.28 -15.09
C VAL A 34 19.05 5.30 -16.21
N MET A 35 18.57 4.11 -15.88
CA MET A 35 18.07 3.17 -16.90
C MET A 35 16.69 2.67 -16.56
N ASP A 36 15.94 2.21 -17.57
CA ASP A 36 14.57 1.70 -17.34
C ASP A 36 14.27 0.74 -18.46
N THR A 37 13.67 -0.39 -18.13
CA THR A 37 13.31 -1.40 -19.15
C THR A 37 12.20 -0.89 -20.09
N ARG A 38 11.48 0.13 -19.65
CA ARG A 38 10.40 0.73 -20.44
C ARG A 38 11.01 1.75 -21.39
N MET A 39 10.57 1.75 -22.64
CA MET A 39 11.12 2.69 -23.60
C MET A 39 10.80 4.12 -23.25
N THR A 40 9.61 4.31 -22.72
CA THR A 40 9.12 5.60 -22.31
C THR A 40 8.59 5.53 -20.89
N PRO A 41 9.46 5.66 -19.90
CA PRO A 41 9.03 5.67 -18.50
C PRO A 41 8.48 7.02 -18.03
N PRO A 42 7.60 6.96 -17.03
CA PRO A 42 7.15 8.19 -16.36
C PRO A 42 8.33 8.96 -15.79
N GLY A 43 8.29 10.27 -15.93
CA GLY A 43 9.33 11.12 -15.37
C GLY A 43 10.43 11.49 -16.35
N LEU A 44 10.48 10.77 -17.46
CA LEU A 44 11.53 10.95 -18.45
C LEU A 44 11.67 12.41 -18.83
N ASP A 45 10.55 13.04 -19.16
CA ASP A 45 10.53 14.45 -19.56
C ASP A 45 10.92 15.38 -18.43
N LYS A 46 10.94 14.85 -17.21
CA LYS A 46 11.32 15.65 -16.05
C LYS A 46 12.77 15.46 -15.65
N LEU A 47 13.41 14.46 -16.26
CA LEU A 47 14.82 14.18 -16.00
C LEU A 47 15.70 15.37 -16.35
N PRO A 48 16.61 15.77 -15.43
CA PRO A 48 17.58 16.82 -15.75
C PRO A 48 18.39 16.45 -16.99
N GLU A 49 18.58 17.44 -17.85
CA GLU A 49 19.17 17.27 -19.18
C GLU A 49 20.63 16.79 -19.16
N ALA A 50 21.31 17.04 -18.05
CA ALA A 50 22.68 16.58 -17.90
C ALA A 50 22.77 15.11 -17.47
N VAL A 51 21.62 14.51 -17.14
CA VAL A 51 21.60 13.10 -16.68
C VAL A 51 21.57 12.13 -17.88
N GLU A 52 22.60 11.29 -18.00
CA GLU A 52 22.60 10.25 -19.03
C GLU A 52 21.50 9.23 -18.73
N ARG A 53 20.76 8.84 -19.76
CA ARG A 53 19.74 7.82 -19.60
C ARG A 53 19.74 6.77 -20.71
N HIS A 54 19.31 5.56 -20.34
CA HIS A 54 19.18 4.41 -21.23
C HIS A 54 17.82 3.80 -21.03
N THR A 55 17.01 3.74 -22.09
CA THR A 55 15.65 3.22 -21.91
C THR A 55 15.39 2.02 -22.82
N GLY A 56 14.37 1.24 -22.49
CA GLY A 56 13.98 0.11 -23.33
C GLY A 56 14.61 -1.23 -22.99
N SER A 57 15.58 -1.18 -22.08
CA SER A 57 16.25 -2.36 -21.59
C SER A 57 17.19 -1.94 -20.44
N LEU A 58 17.76 -2.90 -19.75
CA LEU A 58 18.87 -2.61 -18.85
C LEU A 58 20.19 -2.62 -19.62
N ASN A 59 21.08 -1.69 -19.29
CA ASN A 59 22.38 -1.58 -19.93
C ASN A 59 23.42 -2.30 -19.05
N ASP A 60 23.93 -3.44 -19.51
CA ASP A 60 24.85 -4.23 -18.65
C ASP A 60 26.24 -3.58 -18.51
N GLU A 61 26.64 -2.80 -19.51
CA GLU A 61 27.87 -2.04 -19.42
C GLU A 61 27.74 -1.07 -18.27
N TRP A 62 26.66 -0.29 -18.24
CA TRP A 62 26.42 0.57 -17.08
C TRP A 62 26.32 -0.14 -15.74
N LEU A 63 25.57 -1.24 -15.67
CA LEU A 63 25.44 -1.97 -14.40
C LEU A 63 26.76 -2.53 -13.86
N MET A 64 27.57 -3.08 -14.74
CA MET A 64 28.78 -3.76 -14.30
C MET A 64 29.92 -2.77 -13.98
N ALA A 65 29.78 -1.54 -14.48
CA ALA A 65 30.65 -0.38 -14.17
C ALA A 65 30.28 0.35 -12.87
N ALA A 66 29.09 0.06 -12.34
CA ALA A 66 28.58 0.82 -11.21
C ALA A 66 29.34 0.55 -9.92
N ASP A 67 29.47 1.59 -9.12
CA ASP A 67 29.89 1.48 -7.72
C ASP A 67 28.67 1.22 -6.80
N LEU A 68 27.52 1.71 -7.23
CA LEU A 68 26.30 1.55 -6.48
C LEU A 68 25.13 1.51 -7.46
N ILE A 69 24.23 0.58 -7.23
CA ILE A 69 23.04 0.48 -8.03
C ILE A 69 21.87 0.82 -7.13
N VAL A 70 20.99 1.70 -7.58
CA VAL A 70 19.81 2.07 -6.78
C VAL A 70 18.56 1.56 -7.52
N ALA A 71 18.00 0.47 -7.04
CA ALA A 71 16.94 -0.20 -7.76
C ALA A 71 15.55 0.24 -7.29
N SER A 72 14.73 0.72 -8.21
CA SER A 72 13.33 1.03 -7.97
C SER A 72 12.61 -0.21 -7.45
N PRO A 73 11.65 -0.03 -6.54
CA PRO A 73 10.97 -1.26 -6.06
C PRO A 73 10.26 -2.00 -7.20
N GLY A 74 10.04 -1.32 -8.33
CA GLY A 74 9.29 -1.89 -9.44
C GLY A 74 10.03 -2.92 -10.28
N ILE A 75 11.36 -3.03 -10.09
CA ILE A 75 12.18 -4.07 -10.74
C ILE A 75 12.62 -5.14 -9.76
N ALA A 76 12.53 -6.39 -10.18
CA ALA A 76 12.88 -7.50 -9.31
C ALA A 76 14.37 -7.60 -9.14
N LEU A 77 14.81 -7.77 -7.89
CA LEU A 77 16.22 -8.16 -7.63
C LEU A 77 16.62 -9.47 -8.35
N ALA A 78 15.63 -10.33 -8.59
CA ALA A 78 15.80 -11.55 -9.41
C ALA A 78 16.01 -11.31 -10.92
N HIS A 79 15.80 -10.10 -11.43
CA HIS A 79 16.11 -9.78 -12.83
C HIS A 79 17.54 -10.26 -13.11
N PRO A 80 17.75 -11.00 -14.21
CA PRO A 80 19.10 -11.60 -14.44
C PRO A 80 20.28 -10.61 -14.45
N SER A 81 20.07 -9.39 -14.95
CA SER A 81 21.12 -8.35 -14.93
C SER A 81 21.46 -7.88 -13.50
N LEU A 82 20.44 -7.77 -12.66
CA LEU A 82 20.63 -7.34 -11.27
C LEU A 82 21.24 -8.46 -10.48
N SER A 83 20.77 -9.67 -10.74
CA SER A 83 21.33 -10.86 -10.12
C SER A 83 22.85 -10.98 -10.41
N ALA A 84 23.22 -10.75 -11.67
CA ALA A 84 24.64 -10.75 -12.10
C ALA A 84 25.49 -9.69 -11.36
N ALA A 85 24.96 -8.46 -11.26
CA ALA A 85 25.65 -7.37 -10.58
C ALA A 85 25.83 -7.80 -9.14
N ALA A 86 24.78 -8.36 -8.54
CA ALA A 86 24.88 -8.81 -7.14
C ALA A 86 25.99 -9.85 -7.01
N ASP A 87 25.98 -10.84 -7.91
CA ASP A 87 27.04 -11.88 -7.91
C ASP A 87 28.43 -11.27 -7.98
N ALA A 88 28.57 -10.15 -8.72
CA ALA A 88 29.85 -9.44 -8.83
C ALA A 88 30.22 -8.66 -7.60
N GLY A 89 29.33 -8.64 -6.61
CA GLY A 89 29.59 -7.88 -5.39
C GLY A 89 29.32 -6.38 -5.55
N ILE A 90 28.52 -6.00 -6.56
CA ILE A 90 28.17 -4.60 -6.72
C ILE A 90 27.01 -4.33 -5.75
N GLU A 91 27.16 -3.25 -4.98
CA GLU A 91 26.20 -2.87 -3.96
C GLU A 91 24.89 -2.40 -4.58
N ILE A 92 23.79 -2.99 -4.10
CA ILE A 92 22.45 -2.65 -4.60
C ILE A 92 21.61 -2.19 -3.43
N VAL A 93 21.04 -1.00 -3.54
CA VAL A 93 20.16 -0.43 -2.51
C VAL A 93 18.87 0.15 -3.18
N GLY A 94 17.93 0.64 -2.38
CA GLY A 94 16.76 1.32 -2.93
C GLY A 94 16.63 2.68 -2.26
N ASP A 95 15.58 3.41 -2.62
CA ASP A 95 15.41 4.77 -2.08
C ASP A 95 15.30 4.78 -0.54
N ILE A 96 14.63 3.76 0.03
CA ILE A 96 14.45 3.68 1.49
C ILE A 96 15.79 3.49 2.21
N GLU A 97 16.68 2.67 1.65
CA GLU A 97 18.05 2.50 2.18
C GLU A 97 18.79 3.84 2.23
N LEU A 98 18.71 4.58 1.14
CA LEU A 98 19.33 5.88 1.06
C LEU A 98 18.75 6.85 2.12
N PHE A 99 17.43 6.81 2.28
CA PHE A 99 16.74 7.67 3.24
C PHE A 99 17.23 7.34 4.65
N CYS A 100 17.26 6.04 5.00
CA CYS A 100 17.59 5.60 6.37
C CYS A 100 18.99 6.01 6.75
N ARG A 101 19.91 5.98 5.77
CA ARG A 101 21.32 6.37 6.02
C ARG A 101 21.48 7.86 6.31
N GLU A 102 20.46 8.66 5.94
CA GLU A 102 20.50 10.11 6.13
C GLU A 102 19.55 10.62 7.22
N ALA A 103 18.42 9.91 7.44
CA ALA A 103 17.40 10.33 8.37
C ALA A 103 17.93 10.62 9.81
N GLN A 104 17.47 11.73 10.39
CA GLN A 104 17.95 12.18 11.73
C GLN A 104 16.81 12.32 12.75
N ALA A 105 15.68 11.64 12.48
CA ALA A 105 14.55 11.57 13.40
C ALA A 105 14.18 10.10 13.46
N PRO A 106 13.52 9.67 14.55
CA PRO A 106 12.95 8.33 14.64
C PRO A 106 12.01 8.04 13.44
N ILE A 107 11.97 6.76 13.05
CA ILE A 107 11.09 6.28 11.97
C ILE A 107 10.11 5.26 12.49
N VAL A 108 8.85 5.49 12.21
CA VAL A 108 7.82 4.50 12.47
C VAL A 108 7.69 3.85 11.09
N ALA A 109 7.82 2.54 11.04
CA ALA A 109 7.79 1.81 9.74
C ALA A 109 6.63 0.81 9.68
N ILE A 110 5.86 0.87 8.60
CA ILE A 110 4.63 0.11 8.51
C ILE A 110 4.56 -0.66 7.20
N THR A 111 4.38 -1.98 7.29
CA THR A 111 4.08 -2.77 6.07
C THR A 111 2.90 -3.70 6.31
N GLY A 112 2.54 -4.50 5.33
CA GLY A 112 1.41 -5.40 5.44
C GLY A 112 0.74 -5.47 4.09
N SER A 113 -0.05 -6.52 3.90
CA SER A 113 -0.77 -6.71 2.65
C SER A 113 -1.97 -5.77 2.54
N ASN A 114 -2.59 -5.46 3.67
CA ASN A 114 -3.74 -4.55 3.71
C ASN A 114 -3.69 -3.64 4.95
N GLY A 115 -4.19 -2.40 4.81
CA GLY A 115 -4.21 -1.44 5.93
C GLY A 115 -2.98 -0.57 6.11
N LYS A 116 -1.89 -0.82 5.38
CA LYS A 116 -0.66 -0.05 5.65
C LYS A 116 -0.77 1.49 5.39
N SER A 117 -1.51 1.91 4.36
CA SER A 117 -1.58 3.33 4.06
C SER A 117 -2.46 4.02 5.09
N THR A 118 -3.54 3.34 5.49
CA THR A 118 -4.43 3.86 6.52
C THR A 118 -3.69 4.03 7.84
N VAL A 119 -2.95 2.98 8.24
CA VAL A 119 -2.21 3.02 9.49
C VAL A 119 -1.12 4.11 9.44
N THR A 120 -0.41 4.18 8.30
CA THR A 120 0.64 5.18 8.11
C THR A 120 0.04 6.60 8.26
N THR A 121 -1.07 6.82 7.59
CA THR A 121 -1.70 8.14 7.63
C THR A 121 -2.22 8.46 9.01
N LEU A 122 -2.81 7.47 9.66
CA LEU A 122 -3.27 7.61 11.06
C LEU A 122 -2.17 7.99 12.00
N VAL A 123 -1.07 7.25 11.97
CA VAL A 123 0.07 7.62 12.83
C VAL A 123 0.57 9.06 12.54
N GLY A 124 0.66 9.42 11.26
CA GLY A 124 0.93 10.84 10.85
C GLY A 124 -0.02 11.86 11.52
N GLU A 125 -1.31 11.58 11.48
CA GLU A 125 -2.32 12.48 12.08
C GLU A 125 -2.17 12.54 13.62
N MET A 126 -1.84 11.40 14.21
CA MET A 126 -1.52 11.38 15.63
C MET A 126 -0.33 12.29 15.98
N ALA A 127 0.74 12.21 15.19
CA ALA A 127 1.88 13.06 15.44
C ALA A 127 1.50 14.56 15.25
N LYS A 128 0.67 14.84 14.23
CA LYS A 128 0.24 16.22 13.93
C LYS A 128 -0.61 16.79 15.08
N ALA A 129 -1.49 15.95 15.60
CA ALA A 129 -2.30 16.36 16.74
C ALA A 129 -1.42 16.67 17.97
N ALA A 130 -0.23 16.06 18.08
CA ALA A 130 0.70 16.35 19.17
C ALA A 130 1.60 17.57 18.95
N GLY A 131 1.44 18.21 17.78
CA GLY A 131 2.26 19.33 17.39
C GLY A 131 3.67 18.93 17.02
N VAL A 132 3.88 17.65 16.66
CA VAL A 132 5.15 17.15 16.15
C VAL A 132 5.28 17.46 14.65
N ASN A 133 6.44 17.95 14.27
CA ASN A 133 6.71 18.18 12.88
C ASN A 133 7.06 16.86 12.19
N VAL A 134 6.06 16.26 11.56
CA VAL A 134 6.20 14.88 11.05
C VAL A 134 6.26 14.86 9.49
N GLY A 135 7.05 13.93 8.94
CA GLY A 135 7.07 13.72 7.50
C GLY A 135 6.48 12.36 7.28
N VAL A 136 5.42 12.29 6.48
CA VAL A 136 4.69 11.07 6.23
C VAL A 136 4.77 10.73 4.74
N GLY A 137 5.17 9.51 4.42
CA GLY A 137 5.17 9.10 3.03
C GLY A 137 5.80 7.74 2.85
N GLY A 138 6.57 7.60 1.78
CA GLY A 138 7.24 6.34 1.47
C GLY A 138 6.49 5.75 0.28
N ASN A 139 5.93 4.57 0.45
CA ASN A 139 5.14 3.94 -0.60
C ASN A 139 3.75 4.61 -0.80
N ILE A 140 3.39 5.54 0.08
CA ILE A 140 2.18 6.39 -0.06
C ILE A 140 2.58 7.86 -0.03
N GLY A 141 1.84 8.73 -0.70
CA GLY A 141 2.19 10.15 -0.72
C GLY A 141 3.57 10.38 -1.34
N LEU A 142 4.36 11.24 -0.70
CA LEU A 142 5.68 11.56 -1.17
C LEU A 142 6.65 10.40 -1.00
N PRO A 143 7.47 10.14 -2.01
CA PRO A 143 8.62 9.22 -1.80
C PRO A 143 9.49 9.72 -0.68
N ALA A 144 10.02 8.78 0.10
CA ALA A 144 10.75 9.07 1.33
C ALA A 144 11.80 10.13 1.20
N LEU A 145 12.57 10.09 0.10
CA LEU A 145 13.67 11.05 -0.05
C LEU A 145 13.20 12.50 -0.15
N MET A 146 11.96 12.72 -0.59
CA MET A 146 11.38 14.08 -0.62
C MET A 146 10.98 14.57 0.78
N LEU A 147 10.92 13.66 1.76
CA LEU A 147 10.59 14.04 3.13
C LEU A 147 11.77 14.52 3.94
N LEU A 148 12.99 14.16 3.50
CA LEU A 148 14.18 14.37 4.30
C LEU A 148 14.43 15.83 4.60
N ASP A 149 14.56 16.12 5.90
CA ASP A 149 14.59 17.49 6.43
C ASP A 149 15.04 17.45 7.88
N ASP A 150 16.12 18.20 8.12
CA ASP A 150 16.73 18.38 9.45
C ASP A 150 15.78 18.83 10.54
N GLU A 151 14.70 19.47 10.12
CA GLU A 151 13.67 20.03 10.99
C GLU A 151 12.60 18.98 11.34
N CYS A 152 12.61 17.88 10.60
CA CYS A 152 11.64 16.83 10.85
C CYS A 152 11.89 16.18 12.18
N GLU A 153 10.84 15.98 12.98
CA GLU A 153 10.97 15.37 14.33
C GLU A 153 10.56 13.90 14.40
N LEU A 154 9.85 13.47 13.36
CA LEU A 154 9.47 12.08 13.26
C LEU A 154 9.11 11.80 11.82
N TYR A 155 9.48 10.60 11.39
CA TYR A 155 9.09 10.08 10.08
C TYR A 155 8.15 8.90 10.22
N VAL A 156 7.10 8.90 9.40
CA VAL A 156 6.16 7.77 9.38
C VAL A 156 6.14 7.26 7.92
N LEU A 157 6.64 6.06 7.70
CA LEU A 157 6.79 5.54 6.34
C LEU A 157 5.98 4.29 6.13
N GLU A 158 5.20 4.30 5.05
CA GLU A 158 4.70 3.05 4.49
C GLU A 158 5.81 2.41 3.66
N LEU A 159 6.10 1.15 3.96
CA LEU A 159 7.13 0.42 3.26
C LEU A 159 6.53 -0.81 2.61
N SER A 160 6.69 -0.92 1.28
CA SER A 160 6.27 -2.15 0.58
C SER A 160 7.27 -3.29 0.78
N SER A 161 6.82 -4.52 0.50
CA SER A 161 7.72 -5.67 0.59
C SER A 161 8.93 -5.45 -0.36
N PHE A 162 8.67 -4.84 -1.51
CA PHE A 162 9.75 -4.59 -2.49
C PHE A 162 10.80 -3.60 -1.96
N GLN A 163 10.33 -2.52 -1.33
CA GLN A 163 11.24 -1.57 -0.70
C GLN A 163 12.06 -2.22 0.40
N LEU A 164 11.42 -3.07 1.18
CA LEU A 164 12.12 -3.73 2.27
C LEU A 164 13.26 -4.67 1.77
N GLU A 165 13.06 -5.35 0.63
CA GLU A 165 14.10 -6.22 0.05
C GLU A 165 15.45 -5.55 -0.17
N THR A 166 15.44 -4.26 -0.47
CA THR A 166 16.66 -3.52 -0.76
C THR A 166 17.11 -2.61 0.40
N THR A 167 16.52 -2.78 1.58
CA THR A 167 16.87 -1.92 2.73
C THR A 167 17.56 -2.80 3.78
N SER A 168 18.60 -2.28 4.41
CA SER A 168 19.31 -2.97 5.49
C SER A 168 19.62 -2.07 6.71
N SER A 169 19.49 -0.75 6.56
CA SER A 169 19.88 0.20 7.63
C SER A 169 18.72 0.83 8.39
N LEU A 170 17.50 0.30 8.23
CA LEU A 170 16.37 0.81 9.01
C LEU A 170 16.51 0.30 10.44
N GLN A 171 16.34 1.19 11.42
CA GLN A 171 16.26 0.74 12.80
C GLN A 171 15.09 1.53 13.34
N ALA A 172 13.88 1.04 13.10
CA ALA A 172 12.65 1.78 13.36
C ALA A 172 12.45 1.90 14.87
N VAL A 173 11.93 3.06 15.30
CA VAL A 173 11.45 3.20 16.71
C VAL A 173 10.27 2.25 16.96
N ALA A 174 9.46 2.02 15.92
CA ALA A 174 8.31 1.11 16.01
C ALA A 174 8.02 0.61 14.61
N ALA A 175 7.91 -0.69 14.46
CA ALA A 175 7.69 -1.31 13.16
C ALA A 175 6.59 -2.36 13.29
N THR A 176 5.81 -2.48 12.21
CA THR A 176 4.75 -3.49 12.15
C THR A 176 4.64 -4.13 10.76
N ILE A 177 4.24 -5.40 10.76
CA ILE A 177 3.66 -6.06 9.58
C ILE A 177 2.21 -6.24 10.01
N LEU A 178 1.29 -5.53 9.37
CA LEU A 178 -0.14 -5.59 9.79
C LEU A 178 -0.81 -6.95 9.53
N ASN A 179 -0.41 -7.59 8.43
CA ASN A 179 -1.00 -8.87 8.01
C ASN A 179 -0.22 -9.34 6.80
N VAL A 180 -0.39 -10.62 6.46
CA VAL A 180 0.31 -11.18 5.31
C VAL A 180 -0.73 -12.00 4.59
N THR A 181 -1.21 -11.53 3.45
CA THR A 181 -2.12 -12.35 2.67
C THR A 181 -1.60 -12.34 1.25
N GLU A 182 -2.02 -13.34 0.45
CA GLU A 182 -1.41 -13.49 -0.88
C GLU A 182 -1.46 -12.21 -1.70
N ASP A 183 -0.29 -11.79 -2.16
CA ASP A 183 -0.13 -10.61 -3.00
C ASP A 183 1.24 -10.70 -3.65
N HIS A 184 1.41 -10.04 -4.79
CA HIS A 184 2.72 -9.87 -5.45
C HIS A 184 3.36 -11.21 -5.83
N MET A 185 2.54 -12.21 -6.12
CA MET A 185 3.07 -13.53 -6.43
C MET A 185 3.80 -13.53 -7.75
N ASP A 186 3.49 -12.55 -8.60
CA ASP A 186 4.25 -12.31 -9.85
C ASP A 186 5.72 -11.95 -9.62
N ARG A 187 6.04 -11.56 -8.40
CA ARG A 187 7.38 -11.14 -7.97
C ARG A 187 8.01 -12.06 -6.93
N TYR A 188 7.27 -13.07 -6.44
CA TYR A 188 7.79 -13.96 -5.40
C TYR A 188 7.58 -15.42 -5.89
N PRO A 189 8.48 -15.90 -6.77
CA PRO A 189 8.33 -17.27 -7.32
C PRO A 189 8.52 -18.39 -6.29
N PHE A 190 8.99 -18.08 -5.08
CA PHE A 190 9.00 -19.02 -3.96
C PHE A 190 7.81 -18.78 -2.99
N GLY A 191 6.79 -18.10 -3.49
CA GLY A 191 5.48 -18.16 -2.82
C GLY A 191 5.32 -17.32 -1.58
N LEU A 192 4.30 -17.67 -0.79
CA LEU A 192 3.86 -16.83 0.28
C LEU A 192 4.94 -16.62 1.33
N GLN A 193 5.68 -17.67 1.67
CA GLN A 193 6.75 -17.49 2.66
C GLN A 193 7.88 -16.59 2.19
N GLN A 194 8.18 -16.56 0.89
CA GLN A 194 9.24 -15.67 0.43
C GLN A 194 8.82 -14.17 0.56
N TYR A 195 7.57 -13.93 0.16
CA TYR A 195 6.87 -12.65 0.35
C TYR A 195 6.85 -12.23 1.83
N ARG A 196 6.46 -13.14 2.71
CA ARG A 196 6.57 -12.91 4.12
C ARG A 196 8.00 -12.58 4.55
N ALA A 197 9.00 -13.37 4.10
CA ALA A 197 10.41 -13.06 4.45
C ALA A 197 10.78 -11.63 4.13
N ALA A 198 10.34 -11.12 2.97
CA ALA A 198 10.62 -9.72 2.58
C ALA A 198 10.05 -8.77 3.65
N LEU A 200 9.28 -9.46 6.80
CA LEU A 200 9.91 -9.67 8.10
C LEU A 200 11.19 -8.87 8.35
N ARG A 201 11.85 -8.43 7.28
CA ARG A 201 13.03 -7.58 7.36
C ARG A 201 12.76 -6.29 8.16
N ILE A 202 11.48 -5.87 8.20
CA ILE A 202 11.11 -4.58 8.81
C ILE A 202 11.39 -4.56 10.33
N TYR A 203 11.39 -5.74 10.93
CA TYR A 203 11.59 -5.89 12.38
C TYR A 203 13.05 -5.83 12.80
N GLU A 204 13.96 -6.05 11.85
CA GLU A 204 15.41 -6.07 12.14
C GLU A 204 15.85 -4.73 12.73
N ASN A 205 16.46 -4.80 13.92
CA ASN A 205 16.92 -3.63 14.68
C ASN A 205 15.83 -2.62 15.00
N ALA A 206 14.56 -3.03 14.94
CA ALA A 206 13.46 -2.19 15.39
C ALA A 206 13.46 -2.17 16.94
N LYS A 207 13.23 -0.99 17.51
CA LYS A 207 13.16 -0.82 18.97
C LYS A 207 11.94 -1.55 19.57
N VAL A 208 10.80 -1.41 18.89
CA VAL A 208 9.57 -2.07 19.26
C VAL A 208 8.99 -2.73 18.01
N CYS A 209 8.65 -4.01 18.08
CA CYS A 209 7.90 -4.65 17.01
C CYS A 209 6.46 -4.78 17.44
N VAL A 210 5.55 -4.52 16.49
CA VAL A 210 4.13 -4.58 16.72
C VAL A 210 3.60 -5.66 15.77
N VAL A 211 3.01 -6.72 16.34
CA VAL A 211 2.48 -7.83 15.54
C VAL A 211 0.99 -7.93 15.67
N ASN A 212 0.40 -8.67 14.74
CA ASN A 212 -1.03 -8.93 14.70
C ASN A 212 -1.25 -10.30 15.34
N ALA A 213 -1.86 -10.30 16.53
CA ALA A 213 -2.08 -11.52 17.28
C ALA A 213 -2.92 -12.54 16.51
N ASP A 214 -3.68 -12.05 15.55
CA ASP A 214 -4.59 -12.85 14.73
C ASP A 214 -3.98 -13.33 13.41
N ASP A 215 -2.72 -12.98 13.16
CA ASP A 215 -2.02 -13.40 11.93
C ASP A 215 -0.63 -13.85 12.28
N ALA A 216 -0.44 -15.17 12.36
CA ALA A 216 0.83 -15.72 12.81
C ALA A 216 1.98 -15.34 11.86
N LEU A 217 1.65 -15.09 10.59
CA LEU A 217 2.69 -14.72 9.59
C LEU A 217 3.34 -13.34 9.86
N THR A 218 2.69 -12.51 10.67
CA THR A 218 3.26 -11.17 11.01
C THR A 218 4.32 -11.30 12.11
N MET A 219 4.40 -12.47 12.76
CA MET A 219 5.35 -12.65 13.84
C MET A 219 6.74 -13.05 13.36
N PRO A 220 7.79 -12.48 14.00
CA PRO A 220 9.19 -12.81 13.68
C PRO A 220 9.37 -14.35 13.80
N ILE A 221 10.13 -14.93 12.90
CA ILE A 221 10.17 -16.38 12.76
C ILE A 221 10.78 -17.02 14.00
N ARG A 222 11.87 -16.43 14.46
CA ARG A 222 12.37 -16.61 15.83
C ARG A 222 11.83 -15.44 16.66
N GLU A 226 13.12 -8.78 23.66
CA GLU A 226 11.79 -9.11 24.20
C GLU A 226 10.79 -9.46 23.08
N ARG A 227 9.63 -9.95 23.50
CA ARG A 227 8.52 -10.21 22.62
C ARG A 227 8.15 -8.95 21.81
N CYS A 228 7.10 -9.08 21.03
CA CYS A 228 6.60 -7.94 20.33
C CYS A 228 5.37 -7.47 21.09
N VAL A 229 5.03 -6.19 20.90
CA VAL A 229 3.70 -5.73 21.28
C VAL A 229 2.72 -6.31 20.25
N SER A 230 1.51 -6.63 20.69
CA SER A 230 0.55 -7.14 19.73
C SER A 230 -0.79 -6.41 19.78
N PHE A 231 -1.49 -6.41 18.64
CA PHE A 231 -2.87 -5.98 18.56
C PHE A 231 -3.70 -7.11 17.98
N GLY A 232 -5.01 -7.08 18.25
CA GLY A 232 -5.94 -8.06 17.72
C GLY A 232 -7.37 -7.79 18.12
N VAL A 233 -8.25 -8.71 17.72
CA VAL A 233 -9.69 -8.52 17.91
C VAL A 233 -10.05 -8.96 19.33
N ASN A 234 -9.92 -10.26 19.62
CA ASN A 234 -10.24 -10.80 20.95
C ASN A 234 -9.08 -10.94 21.88
N MET A 235 -7.87 -10.77 21.34
CA MET A 235 -6.64 -10.99 22.06
C MET A 235 -5.61 -9.97 21.60
N GLY A 236 -4.62 -9.69 22.42
CA GLY A 236 -3.59 -8.71 22.07
C GLY A 236 -3.36 -7.74 23.19
N ASP A 237 -2.18 -7.14 23.25
CA ASP A 237 -1.97 -6.06 24.17
C ASP A 237 -2.98 -4.92 23.87
N TYR A 238 -3.33 -4.79 22.59
CA TYR A 238 -4.27 -3.79 22.09
C TYR A 238 -5.32 -4.63 21.45
N HIS A 239 -6.57 -4.46 21.86
CA HIS A 239 -7.62 -5.35 21.43
C HIS A 239 -8.95 -4.69 21.53
N LEU A 240 -9.96 -5.36 21.00
CA LEU A 240 -11.31 -4.86 21.01
C LEU A 240 -12.16 -5.48 22.14
N ASN A 241 -13.03 -4.67 22.71
CA ASN A 241 -14.01 -5.10 23.74
C ASN A 241 -15.37 -4.72 23.15
N HIS A 242 -16.26 -5.69 22.97
CA HIS A 242 -17.46 -5.49 22.15
C HIS A 242 -18.78 -5.87 22.85
N GLY A 245 -24.48 -3.37 21.41
CA GLY A 245 -24.00 -3.03 20.05
C GLY A 245 -22.96 -1.92 20.13
N GLU A 246 -21.76 -2.26 20.58
CA GLU A 246 -20.79 -1.22 20.90
C GLU A 246 -19.39 -1.80 20.89
N THR A 247 -18.43 -1.07 20.35
CA THR A 247 -17.06 -1.53 20.35
C THR A 247 -16.12 -0.49 20.97
N TRP A 248 -15.18 -0.97 21.79
CA TRP A 248 -14.15 -0.14 22.37
C TRP A 248 -12.75 -0.57 21.96
N LEU A 249 -11.85 0.39 21.78
CA LEU A 249 -10.43 0.11 21.76
C LEU A 249 -9.92 0.00 23.19
N ARG A 250 -9.16 -1.07 23.46
CA ARG A 250 -8.59 -1.30 24.78
C ARG A 250 -7.10 -1.54 24.77
N VAL A 251 -6.42 -1.06 25.78
CA VAL A 251 -5.00 -1.36 25.93
C VAL A 251 -4.78 -2.01 27.31
N LYS A 252 -4.24 -3.23 27.29
CA LYS A 252 -4.12 -4.08 28.49
C LYS A 252 -5.39 -4.07 29.34
N GLY A 253 -6.53 -4.34 28.74
CA GLY A 253 -7.74 -4.39 29.52
C GLY A 253 -8.37 -3.05 29.86
N GLU A 254 -7.61 -1.94 29.73
CA GLU A 254 -8.12 -0.59 29.94
C GLU A 254 -8.83 0.01 28.69
N LYS A 255 -10.07 0.49 28.83
CA LYS A 255 -10.77 1.21 27.73
C LYS A 255 -10.11 2.51 27.39
N VAL A 256 -9.87 2.72 26.10
CA VAL A 256 -9.26 3.96 25.65
C VAL A 256 -10.09 4.75 24.65
N LEU A 257 -11.00 4.08 23.94
CA LEU A 257 -11.86 4.81 23.02
C LEU A 257 -13.07 3.99 22.61
N ASN A 258 -14.24 4.62 22.70
CA ASN A 258 -15.44 4.06 22.12
C ASN A 258 -15.46 4.44 20.64
N VAL A 259 -15.56 3.43 19.76
CA VAL A 259 -15.35 3.69 18.31
C VAL A 259 -16.50 4.46 17.67
N LYS A 260 -17.57 4.73 18.42
CA LYS A 260 -18.61 5.60 17.90
C LYS A 260 -17.99 7.00 17.72
N GLU A 261 -16.85 7.28 18.38
CA GLU A 261 -16.21 8.58 18.20
C GLU A 261 -15.36 8.63 16.90
N MET A 262 -15.05 7.48 16.29
CA MET A 262 -14.31 7.46 15.02
C MET A 262 -15.23 7.72 13.84
N LYS A 263 -14.68 8.29 12.78
CA LYS A 263 -15.44 8.49 11.56
C LYS A 263 -15.32 7.22 10.68
N LEU A 264 -14.23 6.45 10.81
CA LEU A 264 -14.13 5.12 10.18
C LEU A 264 -14.94 4.07 10.91
N SER A 265 -15.38 3.05 10.18
CA SER A 265 -16.19 2.01 10.75
C SER A 265 -15.72 0.64 10.28
N GLY A 266 -16.24 -0.41 10.91
CA GLY A 266 -15.87 -1.77 10.57
C GLY A 266 -14.68 -2.26 11.35
N GLN A 267 -14.70 -3.55 11.67
CA GLN A 267 -13.67 -4.20 12.47
C GLN A 267 -12.28 -4.04 11.91
N HIS A 268 -12.18 -4.05 10.57
CA HIS A 268 -10.91 -3.83 9.87
C HIS A 268 -10.26 -2.49 10.28
N ASN A 269 -11.04 -1.41 10.21
CA ASN A 269 -10.58 -0.11 10.61
C ASN A 269 -10.31 0.04 12.09
N TYR A 270 -11.04 -0.69 12.93
CA TYR A 270 -10.72 -0.73 14.37
C TYR A 270 -9.42 -1.40 14.72
N THR A 271 -9.08 -2.51 14.07
CA THR A 271 -7.76 -3.07 14.23
C THR A 271 -6.67 -2.16 13.64
N ASN A 272 -6.97 -1.43 12.56
CA ASN A 272 -6.03 -0.41 12.04
C ASN A 272 -5.76 0.67 13.10
N ALA A 273 -6.83 1.17 13.75
CA ALA A 273 -6.75 2.12 14.88
C ALA A 273 -5.88 1.54 15.99
N LEU A 274 -6.07 0.27 16.32
CA LEU A 274 -5.23 -0.35 17.37
C LEU A 274 -3.74 -0.37 16.99
N ALA A 275 -3.45 -0.79 15.75
CA ALA A 275 -2.06 -0.90 15.28
C ALA A 275 -1.42 0.49 15.32
N ALA A 276 -2.16 1.47 14.83
CA ALA A 276 -1.67 2.85 14.81
C ALA A 276 -1.42 3.38 16.22
N LEU A 277 -2.33 3.06 17.15
CA LEU A 277 -2.10 3.49 18.54
C LEU A 277 -0.88 2.81 19.16
N ALA A 278 -0.68 1.52 18.88
CA ALA A 278 0.47 0.81 19.40
C ALA A 278 1.74 1.45 18.89
N LEU A 279 1.74 1.80 17.61
CA LEU A 279 2.91 2.48 17.01
C LEU A 279 3.16 3.86 17.60
N ALA A 280 2.10 4.64 17.71
CA ALA A 280 2.16 5.96 18.27
C ALA A 280 2.74 5.88 19.68
N ASP A 281 2.15 5.02 20.50
CA ASP A 281 2.62 4.82 21.87
C ASP A 281 4.12 4.52 21.92
N ALA A 282 4.57 3.58 21.09
CA ALA A 282 5.97 3.15 21.10
C ALA A 282 6.91 4.26 20.66
N ALA A 283 6.40 5.16 19.82
CA ALA A 283 7.13 6.31 19.33
C ALA A 283 7.15 7.43 20.40
N GLY A 284 6.42 7.22 21.50
CA GLY A 284 6.37 8.19 22.62
C GLY A 284 5.43 9.35 22.39
N LEU A 285 4.45 9.21 21.50
CA LEU A 285 3.47 10.27 21.25
C LEU A 285 2.43 10.26 22.35
N PRO A 286 1.93 11.42 22.76
CA PRO A 286 0.93 11.45 23.84
C PRO A 286 -0.44 10.85 23.46
N ARG A 287 -1.05 10.13 24.39
CA ARG A 287 -2.30 9.42 24.16
C ARG A 287 -3.44 10.31 23.77
N ALA A 288 -3.63 11.38 24.52
CA ALA A 288 -4.71 12.30 24.27
C ALA A 288 -4.74 12.74 22.84
N SER A 289 -3.60 13.19 22.33
CA SER A 289 -3.58 13.69 20.98
C SER A 289 -3.73 12.52 19.98
N SER A 290 -3.17 11.37 20.33
CA SER A 290 -3.31 10.16 19.48
C SER A 290 -4.78 9.76 19.35
N LEU A 291 -5.49 9.74 20.49
CA LEU A 291 -6.90 9.40 20.48
C LEU A 291 -7.72 10.45 19.77
N LYS A 292 -7.34 11.72 19.90
CA LYS A 292 -8.03 12.81 19.19
C LYS A 292 -7.98 12.57 17.67
N ALA A 293 -6.78 12.29 17.15
CA ALA A 293 -6.55 11.97 15.74
C ALA A 293 -7.45 10.82 15.24
N LEU A 294 -7.73 9.85 16.09
CA LEU A 294 -8.63 8.74 15.71
C LEU A 294 -10.06 9.20 15.44
N THR A 295 -10.48 10.26 16.13
CA THR A 295 -11.80 10.83 15.99
C THR A 295 -11.93 11.82 14.81
N THR A 296 -10.82 12.38 14.34
CA THR A 296 -10.86 13.35 13.24
C THR A 296 -10.57 12.75 11.84
N PHE A 297 -9.87 11.61 11.83
CA PHE A 297 -9.44 11.01 10.55
C PHE A 297 -10.61 10.51 9.71
N THR A 298 -10.73 11.02 8.48
CA THR A 298 -11.84 10.67 7.58
C THR A 298 -11.66 9.51 6.58
N GLY A 299 -10.45 8.97 6.49
CA GLY A 299 -10.22 7.93 5.50
C GLY A 299 -9.36 8.47 4.36
N LEU A 300 -8.84 7.57 3.54
CA LEU A 300 -8.03 7.97 2.41
C LEU A 300 -8.88 7.90 1.17
N PRO A 301 -8.56 8.73 0.16
CA PRO A 301 -9.27 8.59 -1.10
C PRO A 301 -8.95 7.19 -1.69
N HIS A 302 -9.90 6.60 -2.41
CA HIS A 302 -9.75 5.26 -3.02
C HIS A 302 -9.87 4.09 -2.06
N ARG A 303 -10.05 4.37 -0.76
CA ARG A 303 -10.14 3.31 0.22
C ARG A 303 -11.55 3.22 0.83
N PHE A 304 -12.39 2.40 0.20
CA PHE A 304 -13.81 2.31 0.46
C PHE A 304 -14.41 3.75 0.54
N GLU A 305 -14.25 4.51 -0.53
CA GLU A 305 -14.63 5.91 -0.50
C GLU A 305 -16.01 6.08 -1.20
N VAL A 306 -16.99 6.62 -0.51
CA VAL A 306 -18.29 6.95 -1.15
C VAL A 306 -18.01 8.16 -2.02
N VAL A 307 -18.10 7.98 -3.32
CA VAL A 307 -17.91 9.07 -4.22
C VAL A 307 -19.25 9.70 -4.65
N LEU A 308 -20.33 8.93 -4.52
CA LEU A 308 -21.67 9.44 -4.83
C LEU A 308 -22.71 8.65 -4.06
N GLU A 309 -23.60 9.35 -3.36
CA GLU A 309 -24.74 8.70 -2.76
C GLU A 309 -25.95 9.52 -3.24
N HIS A 310 -26.70 8.95 -4.17
CA HIS A 310 -27.72 9.70 -4.90
C HIS A 310 -28.77 8.75 -5.45
N ASN A 311 -30.05 9.13 -5.34
CA ASN A 311 -31.14 8.33 -5.84
C ASN A 311 -31.27 6.94 -5.21
N GLY A 312 -30.86 6.85 -3.95
CA GLY A 312 -30.88 5.59 -3.21
C GLY A 312 -29.77 4.63 -3.57
N VAL A 313 -28.77 5.07 -4.34
CA VAL A 313 -27.61 4.23 -4.72
C VAL A 313 -26.31 4.83 -4.15
N ARG A 314 -25.51 3.98 -3.51
CA ARG A 314 -24.15 4.33 -3.06
C ARG A 314 -23.11 3.82 -4.05
N TRP A 315 -22.30 4.75 -4.57
CA TRP A 315 -21.20 4.39 -5.46
C TRP A 315 -19.89 4.53 -4.65
N ILE A 316 -19.22 3.40 -4.47
CA ILE A 316 -18.03 3.32 -3.59
C ILE A 316 -16.77 2.99 -4.40
N ASN A 317 -15.80 3.89 -4.28
CA ASN A 317 -14.47 3.77 -4.86
C ASN A 317 -13.56 3.09 -3.85
N ASP A 318 -13.35 1.79 -4.01
CA ASP A 318 -12.35 1.04 -3.26
C ASP A 318 -11.23 0.59 -4.20
N SER A 319 -10.83 1.47 -5.10
CA SER A 319 -9.78 1.16 -6.08
C SER A 319 -8.45 0.70 -5.42
N LYS A 320 -8.19 1.14 -4.20
CA LYS A 320 -6.98 0.75 -3.46
C LYS A 320 -7.04 -0.75 -3.09
N ALA A 321 -8.17 -1.44 -3.32
CA ALA A 321 -8.20 -2.90 -3.07
C ALA A 321 -7.50 -3.64 -4.23
N THR A 322 -6.18 -3.77 -4.10
CA THR A 322 -5.36 -4.26 -5.20
C THR A 322 -4.96 -5.73 -5.00
N ASN A 323 -5.57 -6.38 -4.00
CA ASN A 323 -5.35 -7.82 -3.70
C ASN A 323 -6.62 -8.46 -3.14
N VAL A 324 -6.61 -9.79 -3.03
CA VAL A 324 -7.79 -10.51 -2.56
C VAL A 324 -8.14 -10.18 -1.08
N GLY A 325 -7.16 -10.10 -0.21
CA GLY A 325 -7.44 -9.82 1.24
C GLY A 325 -8.13 -8.47 1.38
N SER A 326 -7.74 -7.51 0.54
CA SER A 326 -8.32 -6.16 0.58
C SER A 326 -9.78 -6.12 0.14
N THR A 327 -10.12 -6.79 -0.97
CA THR A 327 -11.52 -6.98 -1.36
C THR A 327 -12.35 -7.79 -0.30
N GLU A 328 -11.77 -8.86 0.27
CA GLU A 328 -12.40 -9.55 1.39
C GLU A 328 -12.79 -8.62 2.52
N ALA A 329 -11.89 -7.71 2.89
CA ALA A 329 -12.14 -6.71 3.93
C ALA A 329 -13.34 -5.84 3.58
N ALA A 330 -13.50 -5.52 2.31
CA ALA A 330 -14.65 -4.71 1.89
C ALA A 330 -15.96 -5.55 1.94
N LEU A 331 -15.88 -6.83 1.57
CA LEU A 331 -17.09 -7.69 1.43
C LEU A 331 -17.56 -8.30 2.74
N ASN A 332 -16.61 -8.53 3.64
CA ASN A 332 -16.89 -9.29 4.85
C ASN A 332 -17.69 -8.45 5.82
N GLY A 333 -18.92 -8.87 6.12
CA GLY A 333 -19.82 -8.06 6.94
C GLY A 333 -20.48 -6.88 6.21
N LEU A 334 -20.38 -6.87 4.88
CA LEU A 334 -20.90 -5.77 4.08
C LEU A 334 -22.45 -5.81 4.07
N HIS A 335 -23.07 -4.66 4.36
CA HIS A 335 -24.53 -4.57 4.26
C HIS A 335 -24.97 -3.84 3.00
N VAL A 336 -25.77 -4.51 2.17
CA VAL A 336 -26.32 -3.91 0.97
C VAL A 336 -27.81 -4.17 0.99
N ASP A 337 -28.63 -3.11 0.86
CA ASP A 337 -30.09 -3.32 0.92
C ASP A 337 -30.68 -4.07 -0.28
N GLY A 338 -30.23 -3.75 -1.49
CA GLY A 338 -30.73 -4.36 -2.70
C GLY A 338 -29.62 -5.19 -3.31
N THR A 339 -29.20 -4.82 -4.52
CA THR A 339 -28.16 -5.57 -5.22
C THR A 339 -26.78 -4.92 -5.10
N LEU A 340 -25.79 -5.77 -4.82
CA LEU A 340 -24.36 -5.44 -4.97
C LEU A 340 -23.88 -5.60 -6.41
N HIS A 341 -23.50 -4.49 -7.03
CA HIS A 341 -22.85 -4.53 -8.36
C HIS A 341 -21.35 -4.33 -8.11
N LEU A 342 -20.62 -5.41 -8.29
CA LEU A 342 -19.23 -5.46 -7.87
C LEU A 342 -18.30 -5.52 -9.08
N LEU A 343 -17.43 -4.52 -9.18
CA LEU A 343 -16.44 -4.40 -10.24
C LEU A 343 -15.09 -5.04 -9.84
N LEU A 344 -14.69 -6.03 -10.62
CA LEU A 344 -13.48 -6.80 -10.37
C LEU A 344 -12.62 -6.77 -11.61
N GLY A 345 -11.32 -6.65 -11.42
CA GLY A 345 -10.43 -6.84 -12.55
C GLY A 345 -9.16 -6.04 -12.60
N GLY A 346 -8.38 -6.36 -13.63
CA GLY A 346 -7.09 -5.73 -13.91
C GLY A 346 -6.03 -6.82 -13.91
N ASP A 347 -4.86 -6.50 -13.37
CA ASP A 347 -3.74 -7.44 -13.23
C ASP A 347 -3.74 -8.14 -11.87
N GLY A 348 -4.13 -9.39 -11.88
CA GLY A 348 -4.26 -10.13 -10.65
C GLY A 348 -2.97 -10.62 -10.03
N LYS A 349 -1.79 -10.36 -10.64
CA LYS A 349 -0.50 -10.74 -10.05
C LYS A 349 -0.43 -12.24 -9.63
N SER A 350 -1.05 -13.09 -10.47
CA SER A 350 -1.14 -14.56 -10.24
C SER A 350 -1.84 -14.99 -8.97
N ALA A 351 -2.64 -14.09 -8.38
CA ALA A 351 -3.38 -14.43 -7.19
C ALA A 351 -4.43 -15.52 -7.45
N ASP A 352 -4.69 -16.31 -6.42
CA ASP A 352 -5.86 -17.22 -6.39
C ASP A 352 -7.06 -16.42 -5.88
N PHE A 353 -8.06 -16.21 -6.74
CA PHE A 353 -9.25 -15.42 -6.41
C PHE A 353 -10.34 -16.18 -5.64
N SER A 354 -10.17 -17.50 -5.52
CA SER A 354 -11.14 -18.40 -4.86
C SER A 354 -11.66 -17.94 -3.51
N PRO A 355 -10.80 -17.38 -2.65
CA PRO A 355 -11.32 -16.95 -1.36
C PRO A 355 -12.47 -15.94 -1.46
N LEU A 356 -12.60 -15.25 -2.59
CA LEU A 356 -13.73 -14.32 -2.81
C LEU A 356 -15.09 -15.00 -2.97
N ALA A 357 -15.09 -16.23 -3.49
CA ALA A 357 -16.30 -16.96 -3.82
C ALA A 357 -17.31 -17.04 -2.66
N ARG A 358 -16.83 -17.26 -1.44
CA ARG A 358 -17.73 -17.40 -0.30
C ARG A 358 -18.52 -16.13 0.05
N TYR A 359 -18.12 -14.99 -0.52
CA TYR A 359 -18.84 -13.75 -0.33
C TYR A 359 -19.82 -13.52 -1.46
N LEU A 360 -19.79 -14.38 -2.47
CA LEU A 360 -20.51 -14.08 -3.69
C LEU A 360 -21.77 -14.95 -3.95
N ASN A 361 -22.25 -15.66 -2.92
CA ASN A 361 -23.46 -16.49 -3.02
C ASN A 361 -24.78 -15.73 -2.95
N GLY A 362 -25.85 -16.42 -3.32
CA GLY A 362 -27.17 -15.84 -3.08
C GLY A 362 -27.58 -14.90 -4.19
N ASP A 363 -28.71 -14.22 -4.00
CA ASP A 363 -29.45 -13.71 -5.15
C ASP A 363 -29.17 -12.26 -5.51
N ASN A 364 -28.46 -11.53 -4.63
CA ASN A 364 -28.34 -10.09 -4.83
C ASN A 364 -26.91 -9.58 -5.09
N VAL A 365 -26.16 -10.37 -5.87
CA VAL A 365 -24.78 -10.08 -6.26
C VAL A 365 -24.69 -10.13 -7.79
N ARG A 366 -24.06 -9.11 -8.38
CA ARG A 366 -23.75 -9.13 -9.80
C ARG A 366 -22.27 -8.80 -9.96
N LEU A 367 -21.56 -9.54 -10.81
CA LEU A 367 -20.12 -9.25 -11.04
C LEU A 367 -19.87 -8.63 -12.40
N TYR A 368 -18.97 -7.63 -12.45
CA TYR A 368 -18.62 -6.99 -13.70
C TYR A 368 -17.13 -7.02 -13.76
N CYS A 369 -16.61 -7.92 -14.59
CA CYS A 369 -15.19 -8.28 -14.55
C CYS A 369 -14.47 -7.79 -15.78
N PHE A 370 -13.30 -7.14 -15.61
CA PHE A 370 -12.62 -6.49 -16.73
C PHE A 370 -11.09 -6.63 -16.63
N GLY A 371 -10.38 -6.03 -17.58
CA GLY A 371 -8.91 -6.02 -17.59
C GLY A 371 -8.28 -7.37 -17.87
N ARG A 372 -6.98 -7.45 -17.60
CA ARG A 372 -6.17 -8.62 -17.94
C ARG A 372 -6.81 -9.91 -17.46
N ASP A 373 -7.24 -9.96 -16.20
CA ASP A 373 -7.71 -11.20 -15.61
C ASP A 373 -9.22 -11.27 -15.47
N GLY A 374 -9.94 -10.51 -16.28
CA GLY A 374 -11.41 -10.47 -16.18
C GLY A 374 -12.05 -11.86 -16.28
N ALA A 375 -11.53 -12.71 -17.17
CA ALA A 375 -12.09 -14.04 -17.35
C ALA A 375 -11.99 -14.90 -16.08
N GLN A 376 -10.83 -14.86 -15.43
CA GLN A 376 -10.56 -15.58 -14.21
C GLN A 376 -11.50 -15.13 -13.05
N LEU A 377 -11.76 -13.82 -13.03
CA LEU A 377 -12.69 -13.26 -12.05
C LEU A 377 -14.13 -13.62 -12.37
N ALA A 378 -14.53 -13.55 -13.64
CA ALA A 378 -15.89 -14.00 -14.01
C ALA A 378 -16.16 -15.46 -13.57
N ALA A 379 -15.14 -16.31 -13.71
CA ALA A 379 -15.14 -17.72 -13.27
C ALA A 379 -15.53 -17.99 -11.81
N LEU A 380 -15.44 -16.98 -10.95
CA LEU A 380 -15.84 -17.14 -9.55
C LEU A 380 -17.31 -17.51 -9.42
N ARG A 381 -18.15 -16.96 -10.30
CA ARG A 381 -19.58 -17.29 -10.34
C ARG A 381 -20.16 -16.83 -11.67
N PRO A 382 -19.86 -17.59 -12.75
CA PRO A 382 -20.18 -17.18 -14.11
C PRO A 382 -21.65 -16.82 -14.30
N GLU A 383 -22.52 -17.43 -13.49
CA GLU A 383 -23.96 -17.25 -13.61
C GLU A 383 -24.41 -15.82 -13.31
N VAL A 384 -23.72 -15.14 -12.38
CA VAL A 384 -24.01 -13.71 -12.09
C VAL A 384 -22.95 -12.72 -12.64
N ALA A 385 -22.10 -13.19 -13.56
CA ALA A 385 -20.93 -12.42 -14.03
C ALA A 385 -21.02 -11.96 -15.47
N GLU A 386 -20.62 -10.72 -15.72
CA GLU A 386 -20.37 -10.21 -17.07
C GLU A 386 -18.88 -9.90 -17.20
N GLN A 387 -18.33 -10.09 -18.38
CA GLN A 387 -16.95 -9.70 -18.64
C GLN A 387 -16.89 -8.67 -19.78
N THR A 388 -16.09 -7.62 -19.56
CA THR A 388 -15.86 -6.60 -20.55
C THR A 388 -14.35 -6.41 -20.63
N GLU A 389 -13.88 -5.60 -21.59
CA GLU A 389 -12.47 -5.28 -21.63
C GLU A 389 -12.08 -4.24 -20.57
N THR A 390 -12.86 -3.16 -20.49
CA THR A 390 -12.48 -2.02 -19.66
C THR A 390 -13.45 -1.78 -18.50
N MET A 391 -12.97 -1.05 -17.50
CA MET A 391 -13.82 -0.68 -16.39
C MET A 391 -14.94 0.24 -16.89
N GLU A 392 -14.60 1.15 -17.81
CA GLU A 392 -15.64 2.03 -18.38
C GLU A 392 -16.79 1.24 -19.03
N GLN A 393 -16.47 0.23 -19.82
CA GLN A 393 -17.51 -0.65 -20.40
C GLN A 393 -18.37 -1.35 -19.34
N ALA A 394 -17.73 -1.76 -18.26
CA ALA A 394 -18.47 -2.45 -17.19
C ALA A 394 -19.42 -1.48 -16.48
N MET A 395 -18.97 -0.24 -16.34
CA MET A 395 -19.79 0.76 -15.65
C MET A 395 -20.99 1.11 -16.50
N ARG A 396 -20.75 1.31 -17.80
CA ARG A 396 -21.86 1.58 -18.73
C ARG A 396 -22.84 0.39 -18.86
N LEU A 397 -22.32 -0.83 -18.71
CA LEU A 397 -23.16 -2.03 -18.72
C LEU A 397 -24.01 -2.10 -17.46
N LEU A 398 -23.40 -1.86 -16.29
CA LEU A 398 -24.13 -1.99 -15.02
C LEU A 398 -25.07 -0.83 -14.72
N ALA A 399 -24.74 0.37 -15.20
CA ALA A 399 -25.45 1.59 -14.75
C ALA A 399 -26.99 1.45 -14.94
N PRO A 400 -27.45 1.02 -16.14
CA PRO A 400 -28.91 0.84 -16.31
C PRO A 400 -29.54 -0.15 -15.34
N ARG A 401 -28.76 -1.11 -14.85
CA ARG A 401 -29.34 -2.16 -14.01
C ARG A 401 -29.46 -1.73 -12.55
N VAL A 402 -28.89 -0.57 -12.23
CA VAL A 402 -28.83 -0.11 -10.84
C VAL A 402 -30.20 0.37 -10.33
N GLN A 403 -30.63 -0.16 -9.19
CA GLN A 403 -31.91 0.18 -8.61
C GLN A 403 -31.67 0.89 -7.27
N PRO A 404 -32.65 1.75 -6.85
CA PRO A 404 -32.59 2.29 -5.50
C PRO A 404 -32.40 1.22 -4.43
N GLY A 405 -31.49 1.46 -3.51
CA GLY A 405 -31.10 0.43 -2.52
C GLY A 405 -29.81 -0.33 -2.90
N ASP A 406 -29.41 -0.22 -4.16
CA ASP A 406 -28.21 -0.94 -4.64
C ASP A 406 -26.89 -0.29 -4.21
N MET A 407 -25.81 -1.06 -4.28
CA MET A 407 -24.45 -0.51 -4.09
C MET A 407 -23.67 -0.80 -5.35
N VAL A 408 -22.89 0.16 -5.85
CA VAL A 408 -21.97 -0.14 -6.92
C VAL A 408 -20.58 -0.02 -6.28
N LEU A 409 -19.85 -1.13 -6.25
CA LEU A 409 -18.55 -1.18 -5.58
C LEU A 409 -17.39 -1.55 -6.53
N LEU A 410 -16.46 -0.62 -6.71
CA LEU A 410 -15.17 -0.91 -7.39
C LEU A 410 -14.25 -1.41 -6.29
N SER A 411 -14.00 -2.72 -6.21
CA SER A 411 -13.10 -3.31 -5.20
C SER A 411 -12.41 -4.48 -5.91
N PRO A 412 -11.50 -4.12 -6.83
CA PRO A 412 -11.10 -4.95 -7.99
C PRO A 412 -10.26 -6.17 -7.69
N ALA A 413 -9.64 -6.22 -6.50
CA ALA A 413 -8.78 -7.34 -6.04
C ALA A 413 -7.49 -7.53 -6.86
N CYS A 414 -7.18 -6.53 -7.68
CA CYS A 414 -6.07 -6.55 -8.68
C CYS A 414 -5.41 -5.23 -8.75
N ALA A 415 -4.18 -5.22 -9.22
CA ALA A 415 -3.50 -4.02 -9.67
C ALA A 415 -4.15 -3.38 -10.91
N SER A 416 -3.90 -2.09 -11.10
CA SER A 416 -4.56 -1.36 -12.22
C SER A 416 -3.61 -1.21 -13.39
N LEU A 417 -2.40 -1.69 -13.19
CA LEU A 417 -1.25 -1.29 -14.04
C LEU A 417 -1.31 -1.82 -15.47
N ASP A 418 -2.22 -2.76 -15.76
CA ASP A 418 -2.39 -3.26 -17.14
C ASP A 418 -3.09 -2.22 -18.02
N GLN A 419 -3.85 -1.31 -17.40
CA GLN A 419 -4.72 -0.37 -18.14
C GLN A 419 -4.62 1.05 -17.61
N PHE A 420 -4.07 1.23 -16.41
CA PHE A 420 -4.04 2.54 -15.76
C PHE A 420 -2.63 2.87 -15.28
N LYS A 421 -2.35 4.15 -15.04
CA LYS A 421 -1.10 4.56 -14.43
C LYS A 421 -0.90 4.01 -13.01
N ASN A 422 -1.97 4.06 -12.21
CA ASN A 422 -1.96 3.57 -10.84
C ASN A 422 -3.41 3.44 -10.35
N PHE A 423 -3.59 2.85 -9.18
CA PHE A 423 -4.92 2.70 -8.63
C PHE A 423 -5.64 4.06 -8.44
N GLU A 424 -4.90 5.15 -8.26
CA GLU A 424 -5.55 6.46 -8.08
C GLU A 424 -6.23 6.91 -9.37
N GLN A 425 -5.54 6.74 -10.50
CA GLN A 425 -6.18 7.05 -11.78
C GLN A 425 -7.42 6.19 -11.99
N ARG A 426 -7.34 4.92 -11.63
CA ARG A 426 -8.50 4.02 -11.73
C ARG A 426 -9.70 4.50 -10.86
N GLY A 427 -9.42 4.87 -9.60
CA GLY A 427 -10.42 5.43 -8.68
C GLY A 427 -11.02 6.74 -9.17
N ASN A 428 -10.17 7.65 -9.65
CA ASN A 428 -10.62 8.89 -10.26
C ASN A 428 -11.51 8.68 -11.48
N GLU A 429 -11.15 7.74 -12.35
CA GLU A 429 -11.99 7.43 -13.50
C GLU A 429 -13.35 6.86 -13.07
N PHE A 430 -13.35 5.96 -12.10
CA PHE A 430 -14.57 5.40 -11.56
C PHE A 430 -15.44 6.53 -10.99
N ALA A 431 -14.86 7.45 -10.20
CA ALA A 431 -15.63 8.55 -9.62
C ALA A 431 -16.23 9.46 -10.70
N ARG A 432 -15.45 9.75 -11.76
CA ARG A 432 -15.95 10.52 -12.92
C ARG A 432 -17.18 9.82 -13.52
N LEU A 433 -17.07 8.52 -13.76
CA LEU A 433 -18.13 7.77 -14.41
C LEU A 433 -19.34 7.60 -13.50
N ALA A 434 -19.09 7.47 -12.20
CA ALA A 434 -20.13 7.38 -11.20
C ALA A 434 -20.98 8.63 -11.24
N LYS A 435 -20.32 9.78 -11.32
CA LYS A 435 -21.01 11.05 -11.38
C LYS A 435 -21.85 11.21 -12.65
N GLU A 436 -21.32 10.71 -13.77
CA GLU A 436 -22.04 10.79 -15.02
C GLU A 436 -23.23 9.88 -14.99
N LEU A 437 -22.99 8.63 -14.62
CA LEU A 437 -23.99 7.60 -14.75
C LEU A 437 -25.01 7.56 -13.59
N GLY A 438 -24.65 8.08 -12.43
CA GLY A 438 -25.50 8.00 -11.24
C GLY A 438 -26.53 9.13 -11.04
N SER A 439 -26.63 10.02 -12.02
CA SER A 439 -27.65 11.10 -12.08
C SER A 439 -28.42 11.03 -13.40
N HIS A 440 -29.71 11.39 -13.39
CA HIS A 440 -30.47 11.57 -14.67
C HIS A 440 -30.15 12.90 -15.34
N HIS A 441 -29.93 13.93 -14.69
#